data_9E1Z
#
_entry.id   9E1Z
#
_cell.length_a   105.148
_cell.length_b   105.148
_cell.length_c   94.504
_cell.angle_alpha   90.000
_cell.angle_beta   90.000
_cell.angle_gamma   120.000
#
_symmetry.space_group_name_H-M   'H 3'
#
loop_
_entity.id
_entity.type
_entity.pdbx_description
1 polymer "DNA (5'-D(*GP*AP*GP*CP*AP*GP*CP*CP*TP*GP*T)-3')"
2 polymer "DNA (5'-D(P*CP*CP*AP*TP*AP*CP*A)-3')"
3 polymer "DNA (5'-D(P*GP*GP*CP*TP*GP*CP*T)-3')"
4 polymer "DNA (5'-D(P*CP*TP*GP*AP*TP*GP*T)-3')"
5 non-polymer 'MERCURY (II) ION'
#
loop_
_entity_poly.entity_id
_entity_poly.type
_entity_poly.pdbx_seq_one_letter_code
_entity_poly.pdbx_strand_id
1 'polydeoxyribonucleotide'
;(DG)(DA)(DG)(DC)(DA)(DG)(DC)(DC)(DT)(DG)(DT)(A1AAZ)(DT)(DG)(DG)(DA)(DC)(DA)(DT)
(DC)(DA)
;
A
2 'polydeoxyribonucleotide' (DC)(DC)(DA)(DT)(DA)(DC)(DA) B
3 'polydeoxyribonucleotide' (DG)(DG)(DC)(DT)(DG)(DC)(DT) C
4 'polydeoxyribonucleotide' (DC)(DT)(DG)(DA)(DT)(DG)(DT) D
#